data_7M4T
#
_entry.id   7M4T
#
_cell.length_a   153.520
_cell.length_b   153.520
_cell.length_c   81.930
_cell.angle_alpha   90.000
_cell.angle_beta   90.000
_cell.angle_gamma   90.000
#
_symmetry.space_group_name_H-M   'I 41'
#
loop_
_entity.id
_entity.type
_entity.pdbx_description
1 polymer Menin
2 non-polymer 'methyl {(1S,2R)-2-[(1S)-2-(azetidin-1-yl)-1-(3-fluorophenyl)-1-{1-[(3-methoxy-1-{4-[(1S,4S)-5-propanoyl-2,5-diazabicyclo[2.2.1]heptane-2-sulfonyl]phenyl}azetidin-3-yl)methyl]piperidin-4-yl}ethyl]cyclopentyl}carbamate'
3 non-polymer 'praseodymium triacetate'
4 water water
#
_entity_poly.entity_id   1
_entity_poly.type   'polypeptide(L)'
_entity_poly.pdbx_seq_one_letter_code
;SGLKAAQKTLFPLRSIDDVVRLFAAELGREEPDLVLLSLVLGFVEHFLAVNRVIPTNVPELTFQPSPAPDPPGGLTYFPV
ADLSIIAALYARFTAQIRGAVDLSLYPREGGVSSRELVKKVSDVIWNSLSRSYFKDRAHIQSLFSFITGTKLDSSGVAFA
VVGACQALGLRDVHLALSEDHAWVVFGPNGEQTAEVTWHGKGNEDRRGQTVNAGVAERSWLYLKGSYMRCDRKMEVAFMV
CAINPSIDLHTDSLELLQLQQKLLWLLYDLGHLERYPMALGNLADLEELEPTPGRPDPLTLYHKGIASAKTYYRDEHIYP
YMYLAGYHCRNRNVREALQAWADTATVIQDYNYCREDEEIYKEFFEVANDVIPNLLKEAASLLEAGEERPGEQSQGTQSQ
GSALQDPECFAHLLRFYDGICKWEEGSPTPVLHVGWATFLVQSLGRFEGQVRQKVRIVSGTVAGTARGPEGGSTAQVPAP
TASPPPEGPVLTFQSEKMKGMKELLVATKINSSAIKLQLTAQSQVQMKKQKVSTPSDYTLSFLKRQRKGL
;
_entity_poly.pdbx_strand_id   A
#
# COMPACT_ATOMS: atom_id res chain seq x y z
N GLY A 2 8.20 -27.65 -9.92
CA GLY A 2 8.80 -27.72 -11.25
C GLY A 2 7.98 -27.05 -12.33
N LEU A 3 8.60 -26.87 -13.53
CA LEU A 3 7.91 -26.26 -14.66
C LEU A 3 7.33 -27.33 -15.57
N LYS A 4 6.01 -27.30 -15.75
CA LYS A 4 5.26 -28.26 -16.56
C LYS A 4 4.97 -27.70 -17.96
N ALA A 5 4.58 -28.59 -18.89
CA ALA A 5 4.27 -28.30 -20.29
C ALA A 5 3.21 -27.20 -20.43
N ALA A 6 2.16 -27.24 -19.58
CA ALA A 6 1.08 -26.24 -19.55
C ALA A 6 1.62 -24.82 -19.33
N GLN A 7 2.78 -24.70 -18.64
CA GLN A 7 3.43 -23.42 -18.35
C GLN A 7 4.40 -23.05 -19.47
N LYS A 8 5.31 -23.98 -19.83
CA LYS A 8 6.36 -23.83 -20.83
C LYS A 8 5.86 -23.51 -22.26
N THR A 9 4.70 -24.05 -22.67
CA THR A 9 4.15 -23.86 -24.02
C THR A 9 3.65 -22.42 -24.28
N LEU A 10 3.51 -21.60 -23.22
CA LEU A 10 3.08 -20.20 -23.36
C LEU A 10 4.28 -19.28 -23.61
N PHE A 11 5.50 -19.85 -23.54
CA PHE A 11 6.76 -19.15 -23.81
C PHE A 11 7.14 -19.30 -25.30
N PRO A 12 7.86 -18.34 -25.92
CA PRO A 12 8.40 -17.09 -25.33
C PRO A 12 7.34 -16.01 -25.21
N LEU A 13 7.57 -15.06 -24.30
CA LEU A 13 6.70 -13.92 -24.06
C LEU A 13 7.35 -12.77 -24.81
N ARG A 14 6.76 -12.41 -25.97
CA ARG A 14 7.30 -11.39 -26.87
C ARG A 14 6.53 -10.07 -26.77
N SER A 15 5.48 -10.01 -25.92
CA SER A 15 4.62 -8.85 -25.78
C SER A 15 4.00 -8.74 -24.38
N ILE A 16 3.27 -7.64 -24.12
CA ILE A 16 2.51 -7.38 -22.89
C ILE A 16 1.40 -8.44 -22.77
N ASP A 17 0.66 -8.67 -23.88
CA ASP A 17 -0.45 -9.64 -23.94
C ASP A 17 0.02 -11.08 -23.70
N ASP A 18 1.28 -11.40 -24.07
CA ASP A 18 1.87 -12.72 -23.86
C ASP A 18 2.11 -12.96 -22.37
N VAL A 19 2.50 -11.91 -21.63
CA VAL A 19 2.73 -11.95 -20.17
C VAL A 19 1.37 -12.11 -19.46
N VAL A 20 0.33 -11.37 -19.92
CA VAL A 20 -1.02 -11.42 -19.37
C VAL A 20 -1.59 -12.84 -19.54
N ARG A 21 -1.34 -13.47 -20.72
CA ARG A 21 -1.78 -14.85 -21.00
C ARG A 21 -1.16 -15.85 -20.03
N LEU A 22 0.14 -15.66 -19.65
CA LEU A 22 0.80 -16.53 -18.68
C LEU A 22 0.12 -16.42 -17.32
N PHE A 23 -0.17 -15.18 -16.87
CA PHE A 23 -0.85 -14.91 -15.61
C PHE A 23 -2.28 -15.45 -15.62
N ALA A 24 -3.04 -15.28 -16.73
CA ALA A 24 -4.42 -15.79 -16.86
C ALA A 24 -4.46 -17.31 -16.71
N ALA A 25 -3.48 -18.00 -17.32
CA ALA A 25 -3.35 -19.45 -17.27
C ALA A 25 -2.97 -19.91 -15.87
N GLU A 26 -1.98 -19.23 -15.24
CA GLU A 26 -1.49 -19.56 -13.90
C GLU A 26 -2.56 -19.32 -12.82
N LEU A 27 -3.41 -18.29 -12.99
CA LEU A 27 -4.48 -17.98 -12.04
C LEU A 27 -5.62 -19.00 -12.12
N GLY A 28 -5.68 -19.75 -13.22
CA GLY A 28 -6.66 -20.81 -13.45
C GLY A 28 -6.24 -22.15 -12.87
N ARG A 29 -4.96 -22.26 -12.48
CA ARG A 29 -4.37 -23.46 -11.89
C ARG A 29 -4.67 -23.49 -10.39
N GLU A 30 -4.71 -24.70 -9.79
CA GLU A 30 -4.99 -24.93 -8.37
C GLU A 30 -3.97 -24.21 -7.48
N GLU A 31 -2.68 -24.27 -7.86
CA GLU A 31 -1.59 -23.62 -7.12
C GLU A 31 -0.76 -22.72 -8.08
N PRO A 32 -1.10 -21.41 -8.23
CA PRO A 32 -0.31 -20.52 -9.12
C PRO A 32 1.15 -20.37 -8.64
N ASP A 33 2.11 -20.61 -9.56
CA ASP A 33 3.55 -20.56 -9.31
C ASP A 33 4.05 -19.12 -9.11
N LEU A 34 4.25 -18.73 -7.85
CA LEU A 34 4.70 -17.39 -7.45
C LEU A 34 6.12 -17.09 -7.95
N VAL A 35 6.99 -18.11 -7.95
CA VAL A 35 8.40 -18.00 -8.36
C VAL A 35 8.49 -17.63 -9.84
N LEU A 36 7.83 -18.44 -10.71
CA LEU A 36 7.81 -18.22 -12.16
C LEU A 36 7.24 -16.84 -12.52
N LEU A 37 6.08 -16.48 -11.92
CA LEU A 37 5.40 -15.20 -12.15
C LEU A 37 6.25 -14.01 -11.67
N SER A 38 6.93 -14.14 -10.51
CA SER A 38 7.78 -13.07 -9.99
C SER A 38 9.01 -12.84 -10.86
N LEU A 39 9.62 -13.94 -11.37
CA LEU A 39 10.80 -13.90 -12.24
C LEU A 39 10.55 -13.20 -13.56
N VAL A 40 9.39 -13.51 -14.19
CA VAL A 40 8.94 -12.93 -15.46
C VAL A 40 8.78 -11.42 -15.28
N LEU A 41 8.04 -10.97 -14.25
CA LEU A 41 7.80 -9.57 -13.98
C LEU A 41 9.11 -8.84 -13.75
N GLY A 42 10.01 -9.43 -12.96
CA GLY A 42 11.33 -8.89 -12.68
C GLY A 42 12.20 -8.80 -13.92
N PHE A 43 12.12 -9.82 -14.81
CA PHE A 43 12.86 -9.85 -16.07
C PHE A 43 12.42 -8.70 -17.00
N VAL A 44 11.09 -8.54 -17.21
CA VAL A 44 10.56 -7.50 -18.10
C VAL A 44 10.76 -6.10 -17.47
N GLU A 45 10.67 -5.96 -16.13
CA GLU A 45 10.87 -4.70 -15.43
C GLU A 45 12.34 -4.23 -15.55
N HIS A 46 13.29 -5.20 -15.54
CA HIS A 46 14.72 -4.94 -15.63
C HIS A 46 15.11 -4.21 -16.92
N PHE A 47 14.55 -4.61 -18.06
CA PHE A 47 14.91 -4.00 -19.34
C PHE A 47 14.00 -2.82 -19.67
N LEU A 48 12.80 -2.76 -19.10
CA LEU A 48 11.88 -1.66 -19.37
C LEU A 48 12.12 -0.46 -18.43
N ALA A 49 12.74 -0.66 -17.24
CA ALA A 49 12.95 0.44 -16.30
C ALA A 49 14.36 0.51 -15.66
N VAL A 50 14.99 -0.63 -15.30
CA VAL A 50 16.30 -0.63 -14.62
C VAL A 50 17.43 -0.25 -15.60
N ASN A 51 17.62 -1.04 -16.68
CA ASN A 51 18.62 -0.78 -17.70
C ASN A 51 17.96 -0.95 -19.08
N ARG A 52 17.53 0.19 -19.64
CA ARG A 52 16.80 0.26 -20.90
C ARG A 52 17.72 0.12 -22.12
N VAL A 53 19.03 0.31 -21.93
CA VAL A 53 20.03 0.19 -23.00
C VAL A 53 20.12 -1.29 -23.42
N ILE A 54 19.75 -1.58 -24.67
CA ILE A 54 19.73 -2.94 -25.21
C ILE A 54 21.21 -3.44 -25.34
N PRO A 55 21.49 -4.65 -24.75
CA PRO A 55 22.88 -5.18 -24.78
C PRO A 55 23.37 -5.56 -26.17
N THR A 56 24.68 -5.35 -26.40
CA THR A 56 25.36 -5.61 -27.68
C THR A 56 26.10 -6.96 -27.73
N ASN A 57 26.81 -7.34 -26.65
CA ASN A 57 27.60 -8.58 -26.60
C ASN A 57 26.81 -9.81 -26.08
N VAL A 58 25.49 -9.66 -25.83
CA VAL A 58 24.66 -10.77 -25.32
C VAL A 58 23.88 -11.41 -26.53
N PRO A 59 24.21 -12.68 -26.91
CA PRO A 59 23.58 -13.28 -28.11
C PRO A 59 22.21 -13.96 -27.94
N GLU A 60 21.90 -14.58 -26.78
CA GLU A 60 20.62 -15.29 -26.59
C GLU A 60 19.43 -14.32 -26.40
N LEU A 61 19.68 -13.19 -25.72
CA LEU A 61 18.71 -12.14 -25.40
C LEU A 61 18.35 -11.33 -26.65
N THR A 62 17.05 -11.32 -26.99
CA THR A 62 16.52 -10.59 -28.15
C THR A 62 15.37 -9.67 -27.72
N PHE A 63 15.06 -8.67 -28.56
CA PHE A 63 13.99 -7.70 -28.29
C PHE A 63 12.95 -7.75 -29.42
N GLN A 64 11.67 -7.56 -29.06
CA GLN A 64 10.60 -7.63 -30.03
C GLN A 64 10.08 -6.23 -30.43
N PRO A 65 10.26 -5.81 -31.70
CA PRO A 65 9.71 -4.51 -32.12
C PRO A 65 8.20 -4.60 -32.39
N SER A 66 7.51 -3.46 -32.24
CA SER A 66 6.07 -3.29 -32.49
C SER A 66 5.74 -1.79 -32.62
N PRO A 67 4.62 -1.40 -33.28
CA PRO A 67 4.30 0.03 -33.38
C PRO A 67 3.98 0.67 -32.03
N ALA A 68 4.68 1.78 -31.73
CA ALA A 68 4.49 2.55 -30.51
C ALA A 68 3.50 3.69 -30.78
N PRO A 69 2.63 4.08 -29.83
CA PRO A 69 1.72 5.21 -30.10
C PRO A 69 2.47 6.54 -29.94
N ASP A 70 3.04 7.05 -31.05
CA ASP A 70 3.81 8.30 -31.18
C ASP A 70 5.02 8.31 -30.24
N GLY A 74 7.31 5.96 -33.19
CA GLY A 74 7.71 4.91 -34.13
C GLY A 74 7.57 3.50 -33.59
N LEU A 75 8.72 2.86 -33.25
CA LEU A 75 8.78 1.50 -32.71
C LEU A 75 9.11 1.47 -31.22
N THR A 76 8.70 0.37 -30.56
CA THR A 76 8.98 0.09 -29.15
C THR A 76 9.50 -1.36 -29.09
N TYR A 77 10.53 -1.61 -28.28
CA TYR A 77 11.18 -2.89 -28.18
C TYR A 77 10.88 -3.53 -26.82
N PHE A 78 10.33 -4.77 -26.85
CA PHE A 78 9.97 -5.50 -25.65
C PHE A 78 11.00 -6.61 -25.35
N PRO A 79 11.44 -6.77 -24.08
CA PRO A 79 12.39 -7.86 -23.78
C PRO A 79 11.73 -9.23 -23.93
N VAL A 80 12.20 -10.03 -24.90
CA VAL A 80 11.63 -11.35 -25.16
C VAL A 80 12.03 -12.29 -24.01
N ALA A 81 11.02 -12.69 -23.21
CA ALA A 81 11.21 -13.63 -22.11
C ALA A 81 11.26 -15.04 -22.68
N ASP A 82 12.48 -15.49 -23.01
CA ASP A 82 12.77 -16.82 -23.56
C ASP A 82 12.62 -17.86 -22.49
N LEU A 83 12.18 -19.07 -22.87
CA LEU A 83 12.03 -20.19 -21.95
C LEU A 83 13.38 -20.57 -21.32
N SER A 84 14.47 -20.56 -22.11
CA SER A 84 15.81 -20.92 -21.61
C SER A 84 16.31 -19.95 -20.53
N ILE A 85 16.04 -18.63 -20.65
CA ILE A 85 16.46 -17.62 -19.67
C ILE A 85 15.66 -17.82 -18.36
N ILE A 86 14.33 -17.85 -18.45
CA ILE A 86 13.41 -17.99 -17.30
C ILE A 86 13.58 -19.36 -16.61
N ALA A 87 13.60 -20.47 -17.36
CA ALA A 87 13.77 -21.83 -16.80
C ALA A 87 15.08 -21.98 -16.03
N ALA A 88 16.17 -21.36 -16.49
CA ALA A 88 17.48 -21.41 -15.81
C ALA A 88 17.41 -20.62 -14.49
N LEU A 89 16.76 -19.43 -14.51
CA LEU A 89 16.57 -18.58 -13.34
C LEU A 89 15.74 -19.33 -12.30
N TYR A 90 14.64 -19.97 -12.76
CA TYR A 90 13.72 -20.75 -11.93
C TYR A 90 14.44 -21.95 -11.30
N ALA A 91 15.25 -22.68 -12.11
CA ALA A 91 16.03 -23.84 -11.66
C ALA A 91 17.06 -23.44 -10.59
N ARG A 92 17.71 -22.26 -10.73
CA ARG A 92 18.70 -21.71 -9.80
C ARG A 92 18.07 -21.43 -8.44
N PHE A 93 16.84 -20.87 -8.39
CA PHE A 93 16.15 -20.56 -7.14
C PHE A 93 15.76 -21.84 -6.43
N THR A 94 15.11 -22.77 -7.15
CA THR A 94 14.63 -24.08 -6.67
C THR A 94 15.83 -24.90 -6.13
N ALA A 95 16.95 -24.99 -6.90
CA ALA A 95 18.14 -25.72 -6.49
C ALA A 95 18.72 -25.20 -5.18
N GLN A 96 18.78 -23.86 -5.04
CA GLN A 96 19.28 -23.13 -3.87
C GLN A 96 18.45 -23.47 -2.62
N ILE A 97 17.11 -23.38 -2.71
CA ILE A 97 16.19 -23.60 -1.58
C ILE A 97 16.18 -25.08 -1.18
N ARG A 98 15.97 -26.00 -2.14
CA ARG A 98 15.94 -27.46 -1.92
C ARG A 98 17.28 -27.97 -1.36
N GLY A 99 18.38 -27.37 -1.82
CA GLY A 99 19.73 -27.72 -1.39
C GLY A 99 20.09 -27.22 0.00
N ALA A 100 19.39 -26.19 0.49
CA ALA A 100 19.64 -25.60 1.81
C ALA A 100 18.67 -26.10 2.87
N VAL A 101 17.50 -26.64 2.46
CA VAL A 101 16.50 -27.14 3.42
C VAL A 101 16.32 -28.66 3.24
N ASP A 102 16.60 -29.42 4.30
CA ASP A 102 16.44 -30.87 4.32
C ASP A 102 15.16 -31.19 5.10
N LEU A 103 14.07 -31.43 4.35
CA LEU A 103 12.72 -31.66 4.85
C LEU A 103 12.54 -32.96 5.65
N SER A 104 13.56 -33.84 5.69
CA SER A 104 13.52 -35.08 6.48
C SER A 104 13.70 -34.77 7.98
N LEU A 105 14.40 -33.66 8.28
CA LEU A 105 14.69 -33.19 9.64
C LEU A 105 13.47 -32.49 10.27
N TYR A 106 12.41 -32.22 9.47
CA TYR A 106 11.20 -31.54 9.94
C TYR A 106 9.97 -32.45 9.79
N PRO A 107 9.29 -32.81 10.90
CA PRO A 107 8.11 -33.69 10.79
C PRO A 107 6.86 -32.92 10.39
N ARG A 108 6.35 -33.19 9.18
CA ARG A 108 5.15 -32.53 8.66
C ARG A 108 3.90 -33.20 9.24
N GLU A 109 3.37 -32.63 10.34
CA GLU A 109 2.20 -33.12 11.07
C GLU A 109 0.91 -32.91 10.25
N GLY A 110 0.73 -33.78 9.25
CA GLY A 110 -0.42 -33.78 8.34
C GLY A 110 -0.60 -32.50 7.56
N GLY A 111 0.37 -32.19 6.70
CA GLY A 111 0.38 -31.00 5.86
C GLY A 111 0.44 -29.69 6.60
N VAL A 112 1.13 -29.67 7.77
CA VAL A 112 1.28 -28.49 8.63
C VAL A 112 2.78 -28.22 8.84
N SER A 113 3.23 -26.99 8.55
CA SER A 113 4.62 -26.54 8.74
C SER A 113 4.79 -25.99 10.15
N SER A 114 5.86 -26.43 10.83
CA SER A 114 6.22 -26.00 12.18
C SER A 114 6.89 -24.63 12.13
N ARG A 115 6.98 -23.92 13.29
CA ARG A 115 7.64 -22.62 13.38
C ARG A 115 9.12 -22.76 13.01
N GLU A 116 9.75 -23.86 13.46
CA GLU A 116 11.14 -24.23 13.24
C GLU A 116 11.45 -24.37 11.73
N LEU A 117 10.49 -24.92 10.96
CA LEU A 117 10.61 -25.09 9.51
C LEU A 117 10.48 -23.72 8.81
N VAL A 118 9.49 -22.90 9.21
CA VAL A 118 9.24 -21.56 8.66
C VAL A 118 10.45 -20.65 8.93
N LYS A 119 11.03 -20.74 10.14
CA LYS A 119 12.19 -19.94 10.54
C LYS A 119 13.44 -20.33 9.71
N LYS A 120 13.61 -21.63 9.38
CA LYS A 120 14.74 -22.11 8.58
C LYS A 120 14.66 -21.54 7.17
N VAL A 121 13.46 -21.56 6.54
CA VAL A 121 13.20 -21.04 5.19
C VAL A 121 13.47 -19.53 5.21
N SER A 122 13.02 -18.83 6.27
CA SER A 122 13.26 -17.40 6.44
C SER A 122 14.76 -17.11 6.51
N ASP A 123 15.51 -17.94 7.28
CA ASP A 123 16.97 -17.84 7.45
C ASP A 123 17.71 -18.05 6.13
N VAL A 124 17.21 -18.94 5.26
CA VAL A 124 17.80 -19.24 3.94
C VAL A 124 17.78 -17.97 3.07
N ILE A 125 16.60 -17.33 2.91
CA ILE A 125 16.42 -16.10 2.12
C ILE A 125 17.29 -14.98 2.69
N TRP A 126 17.21 -14.76 4.01
CA TRP A 126 17.92 -13.73 4.79
C TRP A 126 19.45 -13.79 4.59
N ASN A 127 20.06 -14.97 4.83
CA ASN A 127 21.50 -15.20 4.75
C ASN A 127 22.05 -15.17 3.30
N SER A 128 21.15 -15.21 2.28
CA SER A 128 21.53 -15.16 0.86
C SER A 128 21.73 -13.73 0.36
N LEU A 129 21.06 -12.74 1.00
CA LEU A 129 21.08 -11.33 0.63
C LEU A 129 22.46 -10.69 0.81
N SER A 130 22.76 -9.67 -0.02
CA SER A 130 23.98 -8.87 0.02
C SER A 130 24.11 -8.15 1.35
N ARG A 131 25.35 -7.98 1.85
CA ARG A 131 25.63 -7.34 3.14
C ARG A 131 25.30 -5.85 3.16
N SER A 132 25.49 -5.14 2.03
CA SER A 132 25.26 -3.70 1.99
C SER A 132 24.62 -3.22 0.67
N TYR A 133 23.42 -2.62 0.78
CA TYR A 133 22.64 -2.05 -0.33
C TYR A 133 21.56 -1.10 0.20
N PHE A 134 21.14 -0.12 -0.62
CA PHE A 134 20.11 0.83 -0.22
C PHE A 134 18.75 0.14 -0.19
N LYS A 135 18.12 0.10 0.99
CA LYS A 135 16.84 -0.58 1.24
C LYS A 135 15.65 0.04 0.49
N ASP A 136 15.61 1.39 0.36
CA ASP A 136 14.52 2.11 -0.32
C ASP A 136 14.75 2.22 -1.83
N ARG A 137 15.74 1.47 -2.35
CA ARG A 137 16.07 1.40 -3.77
C ARG A 137 14.89 0.78 -4.54
N ALA A 138 14.61 1.31 -5.74
CA ALA A 138 13.53 0.82 -6.59
C ALA A 138 13.96 -0.45 -7.34
N HIS A 139 12.99 -1.29 -7.71
CA HIS A 139 13.14 -2.51 -8.50
C HIS A 139 13.97 -3.62 -7.81
N ILE A 140 13.84 -3.78 -6.48
CA ILE A 140 14.51 -4.87 -5.75
C ILE A 140 13.42 -5.65 -4.99
N GLN A 141 12.23 -5.79 -5.60
CA GLN A 141 11.06 -6.44 -5.00
C GLN A 141 10.86 -7.89 -5.45
N SER A 142 11.24 -8.21 -6.70
CA SER A 142 11.01 -9.51 -7.35
C SER A 142 12.07 -10.57 -7.05
N LEU A 143 11.76 -11.83 -7.44
CA LEU A 143 12.66 -12.96 -7.30
C LEU A 143 13.79 -12.89 -8.33
N PHE A 144 13.62 -12.08 -9.40
CA PHE A 144 14.67 -11.83 -10.39
C PHE A 144 15.79 -11.07 -9.69
N SER A 145 15.42 -10.06 -8.87
CA SER A 145 16.36 -9.25 -8.09
C SER A 145 17.12 -10.12 -7.06
N PHE A 146 16.41 -11.06 -6.39
CA PHE A 146 17.01 -11.97 -5.41
C PHE A 146 18.01 -12.91 -6.08
N ILE A 147 17.69 -13.41 -7.29
CA ILE A 147 18.55 -14.37 -7.98
C ILE A 147 19.73 -13.67 -8.70
N THR A 148 19.47 -12.60 -9.47
CA THR A 148 20.51 -11.92 -10.25
C THR A 148 21.37 -10.94 -9.45
N GLY A 149 20.84 -10.36 -8.36
CA GLY A 149 21.57 -9.39 -7.57
C GLY A 149 21.56 -9.54 -6.06
N THR A 150 20.89 -10.59 -5.53
CA THR A 150 20.73 -10.93 -4.09
C THR A 150 20.30 -9.69 -3.27
N LYS A 151 19.37 -8.89 -3.82
CA LYS A 151 18.83 -7.70 -3.18
C LYS A 151 17.32 -7.77 -3.12
N LEU A 152 16.77 -7.52 -1.94
CA LEU A 152 15.33 -7.50 -1.74
C LEU A 152 14.95 -6.39 -0.78
N ASP A 153 13.83 -5.70 -1.06
CA ASP A 153 13.32 -4.67 -0.16
C ASP A 153 12.60 -5.36 1.01
N SER A 154 12.12 -4.59 1.98
CA SER A 154 11.47 -5.10 3.19
C SER A 154 10.37 -6.16 2.89
N SER A 155 9.28 -5.78 2.19
CA SER A 155 8.18 -6.70 1.87
C SER A 155 8.57 -7.78 0.84
N GLY A 156 9.65 -7.54 0.08
CA GLY A 156 10.20 -8.47 -0.91
C GLY A 156 10.74 -9.75 -0.29
N VAL A 157 11.36 -9.61 0.90
CA VAL A 157 11.91 -10.71 1.69
C VAL A 157 10.76 -11.62 2.12
N ALA A 158 9.65 -11.02 2.61
CA ALA A 158 8.45 -11.74 3.05
C ALA A 158 7.86 -12.56 1.90
N PHE A 159 7.70 -11.94 0.71
CA PHE A 159 7.21 -12.59 -0.51
C PHE A 159 8.16 -13.73 -0.95
N ALA A 160 9.49 -13.53 -0.82
CA ALA A 160 10.50 -14.53 -1.18
C ALA A 160 10.43 -15.76 -0.28
N VAL A 161 10.19 -15.57 1.04
CA VAL A 161 10.04 -16.65 2.03
C VAL A 161 8.81 -17.51 1.66
N VAL A 162 7.69 -16.86 1.25
CA VAL A 162 6.43 -17.49 0.80
C VAL A 162 6.69 -18.28 -0.51
N GLY A 163 7.39 -17.64 -1.46
CA GLY A 163 7.78 -18.24 -2.73
C GLY A 163 8.63 -19.48 -2.54
N ALA A 164 9.62 -19.39 -1.62
CA ALA A 164 10.53 -20.49 -1.26
C ALA A 164 9.78 -21.64 -0.56
N CYS A 165 8.76 -21.32 0.26
CA CYS A 165 7.94 -22.31 0.95
C CYS A 165 7.10 -23.11 -0.04
N GLN A 166 6.53 -22.42 -1.07
CA GLN A 166 5.72 -23.04 -2.13
C GLN A 166 6.59 -24.01 -2.94
N ALA A 167 7.86 -23.63 -3.21
CA ALA A 167 8.85 -24.43 -3.93
C ALA A 167 9.19 -25.73 -3.18
N LEU A 168 9.16 -25.70 -1.82
CA LEU A 168 9.41 -26.85 -0.96
C LEU A 168 8.15 -27.72 -0.78
N GLY A 169 7.02 -27.21 -1.27
CA GLY A 169 5.72 -27.88 -1.19
C GLY A 169 4.97 -27.61 0.10
N LEU A 170 5.17 -26.41 0.70
CA LEU A 170 4.49 -26.01 1.94
C LEU A 170 3.32 -25.08 1.60
N ARG A 171 2.12 -25.66 1.41
CA ARG A 171 0.89 -24.99 1.01
C ARG A 171 0.21 -24.20 2.15
N ASP A 172 0.66 -24.35 3.41
CA ASP A 172 0.04 -23.68 4.56
C ASP A 172 0.70 -22.33 4.89
N VAL A 173 1.89 -22.04 4.33
CA VAL A 173 2.59 -20.77 4.61
C VAL A 173 2.11 -19.72 3.61
N HIS A 174 1.60 -18.60 4.15
CA HIS A 174 1.04 -17.52 3.34
C HIS A 174 1.53 -16.14 3.77
N LEU A 175 1.45 -15.19 2.82
CA LEU A 175 1.83 -13.80 3.03
C LEU A 175 0.76 -13.06 3.85
N ALA A 176 1.20 -12.35 4.88
CA ALA A 176 0.38 -11.52 5.73
C ALA A 176 0.78 -10.07 5.48
N LEU A 177 -0.18 -9.17 5.30
CA LEU A 177 0.17 -7.79 4.96
C LEU A 177 -0.62 -6.77 5.71
N SER A 178 0.04 -5.68 6.09
CA SER A 178 -0.59 -4.51 6.65
C SER A 178 -0.45 -3.42 5.58
N GLU A 179 -0.48 -2.14 5.93
CA GLU A 179 -0.35 -1.11 4.91
C GLU A 179 1.10 -0.62 4.81
N ASP A 180 2.01 -1.17 5.65
CA ASP A 180 3.43 -0.79 5.63
C ASP A 180 4.40 -1.93 6.10
N HIS A 181 3.88 -3.11 6.40
CA HIS A 181 4.74 -4.19 6.84
C HIS A 181 4.21 -5.55 6.32
N ALA A 182 5.10 -6.55 6.25
CA ALA A 182 4.77 -7.89 5.77
C ALA A 182 5.40 -8.97 6.66
N TRP A 183 4.65 -10.06 6.90
CA TRP A 183 5.08 -11.23 7.69
C TRP A 183 4.37 -12.46 7.13
N VAL A 184 4.55 -13.63 7.75
CA VAL A 184 3.89 -14.84 7.23
C VAL A 184 2.88 -15.40 8.23
N VAL A 185 1.82 -16.03 7.70
CA VAL A 185 0.79 -16.75 8.45
C VAL A 185 0.90 -18.21 8.05
N PHE A 186 0.82 -19.11 9.03
CA PHE A 186 0.94 -20.54 8.81
C PHE A 186 0.20 -21.32 9.91
N GLY A 187 0.34 -22.64 9.88
CA GLY A 187 -0.26 -23.57 10.83
C GLY A 187 -1.64 -24.05 10.43
N PRO A 188 -2.33 -24.83 11.31
CA PRO A 188 -3.72 -25.19 10.99
C PRO A 188 -4.57 -23.94 11.20
N ASN A 189 -5.47 -23.66 10.24
CA ASN A 189 -6.38 -22.50 10.24
C ASN A 189 -5.64 -21.16 9.97
N GLY A 190 -4.31 -21.20 9.81
CA GLY A 190 -3.50 -20.03 9.51
C GLY A 190 -3.53 -18.95 10.57
N GLU A 191 -3.48 -19.38 11.85
CA GLU A 191 -3.54 -18.49 13.02
C GLU A 191 -2.16 -18.29 13.65
N GLN A 192 -1.15 -19.07 13.20
CA GLN A 192 0.25 -18.96 13.64
C GLN A 192 0.92 -17.86 12.82
N THR A 193 1.68 -16.98 13.48
CA THR A 193 2.33 -15.84 12.82
C THR A 193 3.83 -15.75 13.14
N ALA A 194 4.63 -15.33 12.14
CA ALA A 194 6.08 -15.17 12.30
C ALA A 194 6.64 -14.01 11.48
N GLU A 195 7.51 -13.20 12.13
CA GLU A 195 8.23 -12.09 11.52
C GLU A 195 9.34 -12.69 10.66
N VAL A 196 9.48 -12.24 9.40
CA VAL A 196 10.47 -12.81 8.47
C VAL A 196 11.41 -11.73 7.88
N THR A 197 11.05 -10.46 8.04
CA THR A 197 11.83 -9.35 7.49
C THR A 197 12.00 -8.25 8.54
N TRP A 198 12.71 -7.18 8.17
CA TRP A 198 12.92 -6.03 9.04
C TRP A 198 11.82 -5.01 8.77
N HIS A 199 11.79 -3.93 9.54
CA HIS A 199 10.90 -2.80 9.34
C HIS A 199 11.60 -1.54 9.86
N GLY A 200 11.49 -0.45 9.11
CA GLY A 200 12.14 0.82 9.45
C GLY A 200 13.62 0.84 9.06
N LYS A 201 14.29 2.00 9.25
CA LYS A 201 15.71 2.16 8.90
C LYS A 201 16.64 1.36 9.84
N GLY A 202 16.45 1.53 11.16
CA GLY A 202 17.21 0.85 12.21
C GLY A 202 16.34 0.64 13.43
N ASN A 203 15.38 -0.28 13.32
CA ASN A 203 14.40 -0.58 14.37
C ASN A 203 14.53 -2.03 14.89
N GLU A 204 15.78 -2.57 14.91
CA GLU A 204 16.18 -3.92 15.39
C GLU A 204 15.57 -5.09 14.57
N ASP A 205 15.82 -6.36 15.00
CA ASP A 205 15.35 -7.55 14.29
C ASP A 205 14.49 -8.45 15.20
N ARG A 206 13.16 -8.39 14.97
CA ARG A 206 12.15 -9.18 15.68
C ARG A 206 11.82 -10.48 14.92
N ARG A 207 12.65 -10.82 13.89
CA ARG A 207 12.50 -12.01 13.05
C ARG A 207 12.32 -13.27 13.89
N GLY A 208 11.32 -14.07 13.52
CA GLY A 208 10.97 -15.32 14.18
C GLY A 208 9.90 -15.22 15.25
N GLN A 209 9.50 -13.99 15.62
CA GLN A 209 8.49 -13.73 16.65
C GLN A 209 7.08 -13.59 16.07
N THR A 210 6.06 -13.66 16.96
CA THR A 210 4.65 -13.45 16.61
C THR A 210 4.43 -11.93 16.45
N VAL A 211 3.29 -11.55 15.88
CA VAL A 211 2.95 -10.13 15.68
C VAL A 211 2.00 -9.64 16.80
N ASN A 212 1.75 -10.52 17.80
CA ASN A 212 0.85 -10.30 18.95
C ASN A 212 1.06 -8.97 19.66
N ALA A 213 2.31 -8.62 19.98
CA ALA A 213 2.69 -7.39 20.68
C ALA A 213 2.28 -6.14 19.90
N GLY A 214 2.46 -6.17 18.57
CA GLY A 214 2.10 -5.07 17.69
C GLY A 214 0.61 -4.89 17.53
N VAL A 215 -0.14 -6.00 17.58
CA VAL A 215 -1.60 -6.02 17.48
C VAL A 215 -2.21 -5.48 18.79
N ALA A 216 -1.71 -5.96 19.94
CA ALA A 216 -2.18 -5.54 21.27
C ALA A 216 -1.87 -4.06 21.54
N GLU A 217 -0.74 -3.55 21.00
CA GLU A 217 -0.30 -2.16 21.16
C GLU A 217 -1.21 -1.14 20.47
N ARG A 218 -2.02 -1.57 19.48
CA ARG A 218 -2.96 -0.77 18.68
C ARG A 218 -2.20 0.16 17.72
N SER A 219 -1.06 -0.31 17.19
CA SER A 219 -0.29 0.46 16.21
C SER A 219 -0.91 0.25 14.85
N TRP A 220 -0.84 1.27 14.01
CA TRP A 220 -1.36 1.23 12.64
C TRP A 220 -0.61 0.17 11.81
N LEU A 221 0.64 -0.12 12.18
CA LEU A 221 1.50 -1.08 11.50
C LEU A 221 0.97 -2.54 11.55
N TYR A 222 0.13 -2.86 12.55
CA TYR A 222 -0.42 -4.23 12.64
C TYR A 222 -1.94 -4.22 12.53
N LEU A 223 -2.51 -3.02 12.26
CA LEU A 223 -3.93 -2.73 12.01
C LEU A 223 -4.87 -3.38 13.02
N LYS A 224 -4.49 -3.41 14.32
CA LYS A 224 -5.26 -3.99 15.42
C LYS A 224 -5.76 -5.43 15.09
N GLY A 225 -5.00 -6.14 14.26
CA GLY A 225 -5.29 -7.50 13.85
C GLY A 225 -6.14 -7.67 12.60
N SER A 226 -6.63 -6.56 12.01
CA SER A 226 -7.45 -6.68 10.80
C SER A 226 -6.58 -6.42 9.56
N TYR A 227 -5.51 -7.21 9.46
CA TYR A 227 -4.56 -7.16 8.37
C TYR A 227 -4.97 -8.20 7.33
N MET A 228 -4.42 -8.09 6.12
CA MET A 228 -4.70 -9.02 5.04
C MET A 228 -3.99 -10.36 5.23
N ARG A 229 -4.72 -11.46 5.04
CA ARG A 229 -4.17 -12.82 5.07
C ARG A 229 -4.38 -13.36 3.67
N CYS A 230 -3.31 -13.34 2.86
CA CYS A 230 -3.33 -13.74 1.46
C CYS A 230 -3.51 -15.23 1.25
N ASP A 231 -4.23 -15.57 0.17
CA ASP A 231 -4.30 -16.90 -0.40
C ASP A 231 -3.35 -16.77 -1.59
N ARG A 232 -3.14 -17.83 -2.39
CA ARG A 232 -2.21 -17.78 -3.53
C ARG A 232 -2.57 -16.69 -4.57
N LYS A 233 -3.88 -16.49 -4.84
CA LYS A 233 -4.40 -15.52 -5.81
C LYS A 233 -4.14 -14.06 -5.38
N MET A 234 -4.15 -13.79 -4.06
CA MET A 234 -3.88 -12.49 -3.48
C MET A 234 -2.38 -12.19 -3.49
N GLU A 235 -1.54 -13.25 -3.42
CA GLU A 235 -0.08 -13.12 -3.46
C GLU A 235 0.36 -12.72 -4.88
N VAL A 236 -0.42 -13.16 -5.89
CA VAL A 236 -0.21 -12.78 -7.30
C VAL A 236 -0.58 -11.28 -7.43
N ALA A 237 -1.71 -10.87 -6.80
CA ALA A 237 -2.18 -9.48 -6.79
C ALA A 237 -1.14 -8.54 -6.16
N PHE A 238 -0.52 -8.95 -5.02
CA PHE A 238 0.52 -8.20 -4.33
C PHE A 238 1.70 -7.92 -5.27
N MET A 239 2.17 -8.98 -5.94
CA MET A 239 3.26 -9.04 -6.92
C MET A 239 2.99 -8.08 -8.10
N VAL A 240 1.71 -7.99 -8.56
CA VAL A 240 1.29 -7.09 -9.64
C VAL A 240 1.33 -5.63 -9.11
N CYS A 241 0.82 -5.38 -7.89
CA CYS A 241 0.86 -4.08 -7.23
C CYS A 241 2.31 -3.62 -7.04
N ALA A 242 3.21 -4.60 -6.79
CA ALA A 242 4.63 -4.39 -6.57
C ALA A 242 5.38 -3.97 -7.84
N ILE A 243 4.80 -4.13 -9.07
CA ILE A 243 5.42 -3.68 -10.33
C ILE A 243 5.74 -2.19 -10.19
N ASN A 244 7.00 -1.82 -10.43
CA ASN A 244 7.43 -0.43 -10.32
C ASN A 244 7.72 0.14 -11.72
N PRO A 245 6.80 0.92 -12.31
CA PRO A 245 7.04 1.46 -13.66
C PRO A 245 8.05 2.63 -13.72
N SER A 246 8.59 3.07 -12.57
CA SER A 246 9.51 4.21 -12.51
C SER A 246 10.85 3.96 -13.23
N ILE A 247 11.19 4.83 -14.21
CA ILE A 247 12.46 4.83 -14.92
C ILE A 247 13.43 5.69 -14.08
N ASP A 248 12.97 6.90 -13.72
CA ASP A 248 13.66 7.85 -12.83
C ASP A 248 12.59 8.54 -11.96
N LEU A 249 12.96 9.58 -11.20
CA LEU A 249 12.04 10.29 -10.30
C LEU A 249 10.84 10.93 -11.03
N HIS A 250 11.03 11.39 -12.29
CA HIS A 250 9.96 12.06 -13.02
C HIS A 250 9.37 11.29 -14.24
N THR A 251 10.01 10.17 -14.67
CA THR A 251 9.51 9.44 -15.84
C THR A 251 9.10 7.98 -15.54
N ASP A 252 8.11 7.46 -16.30
CA ASP A 252 7.58 6.09 -16.17
C ASP A 252 7.64 5.31 -17.47
N SER A 253 7.75 3.97 -17.35
CA SER A 253 7.71 3.03 -18.46
C SER A 253 6.26 2.88 -18.85
N LEU A 254 5.92 3.20 -20.10
CA LEU A 254 4.53 3.08 -20.56
C LEU A 254 4.08 1.62 -20.65
N GLU A 255 5.03 0.70 -20.89
CA GLU A 255 4.77 -0.74 -21.00
C GLU A 255 4.47 -1.33 -19.64
N LEU A 256 5.22 -0.94 -18.59
CA LEU A 256 5.02 -1.45 -17.23
C LEU A 256 3.70 -0.93 -16.62
N LEU A 257 3.28 0.30 -17.00
CA LEU A 257 2.00 0.90 -16.57
C LEU A 257 0.85 0.12 -17.23
N GLN A 258 0.97 -0.12 -18.55
CA GLN A 258 0.00 -0.85 -19.38
C GLN A 258 -0.10 -2.31 -18.91
N LEU A 259 1.04 -2.94 -18.57
CA LEU A 259 1.09 -4.31 -18.07
C LEU A 259 0.40 -4.42 -16.71
N GLN A 260 0.77 -3.55 -15.74
CA GLN A 260 0.18 -3.56 -14.40
C GLN A 260 -1.35 -3.34 -14.46
N GLN A 261 -1.81 -2.45 -15.35
CA GLN A 261 -3.23 -2.12 -15.55
C GLN A 261 -4.01 -3.33 -16.08
N LYS A 262 -3.48 -3.99 -17.13
CA LYS A 262 -4.08 -5.18 -17.75
C LYS A 262 -4.11 -6.35 -16.77
N LEU A 263 -3.03 -6.52 -15.97
CA LEU A 263 -2.94 -7.58 -14.98
C LEU A 263 -3.90 -7.32 -13.83
N LEU A 264 -4.11 -6.03 -13.45
CA LEU A 264 -5.04 -5.69 -12.38
C LEU A 264 -6.49 -5.94 -12.81
N TRP A 265 -6.83 -5.67 -14.10
CA TRP A 265 -8.19 -5.96 -14.60
C TRP A 265 -8.48 -7.45 -14.65
N LEU A 266 -7.45 -8.26 -14.96
CA LEU A 266 -7.50 -9.73 -14.99
C LEU A 266 -7.87 -10.26 -13.60
N LEU A 267 -7.14 -9.79 -12.57
CA LEU A 267 -7.34 -10.15 -11.16
C LEU A 267 -8.72 -9.66 -10.66
N TYR A 268 -9.14 -8.45 -11.08
CA TYR A 268 -10.41 -7.84 -10.72
C TYR A 268 -11.61 -8.69 -11.20
N ASP A 269 -11.60 -9.06 -12.50
CA ASP A 269 -12.62 -9.86 -13.19
C ASP A 269 -12.79 -11.26 -12.58
N LEU A 270 -11.73 -11.83 -11.99
CA LEU A 270 -11.74 -13.13 -11.35
C LEU A 270 -12.15 -12.99 -9.86
N GLY A 271 -12.32 -11.76 -9.39
CA GLY A 271 -12.72 -11.45 -8.03
C GLY A 271 -11.61 -11.52 -6.99
N HIS A 272 -10.35 -11.42 -7.45
CA HIS A 272 -9.20 -11.51 -6.56
C HIS A 272 -8.80 -10.13 -5.94
N LEU A 273 -9.47 -9.03 -6.35
CA LEU A 273 -9.22 -7.70 -5.76
C LEU A 273 -10.32 -7.33 -4.73
N GLU A 274 -11.34 -8.21 -4.55
CA GLU A 274 -12.46 -8.02 -3.62
C GLU A 274 -12.02 -7.81 -2.18
N ARG A 275 -10.89 -8.42 -1.77
CA ARG A 275 -10.34 -8.31 -0.42
C ARG A 275 -8.96 -7.61 -0.42
N TYR A 276 -8.67 -6.82 -1.46
CA TYR A 276 -7.41 -6.09 -1.57
C TYR A 276 -7.73 -4.59 -1.79
N PRO A 277 -8.03 -3.81 -0.72
CA PRO A 277 -8.45 -2.41 -0.91
C PRO A 277 -7.46 -1.53 -1.69
N MET A 278 -6.15 -1.62 -1.40
CA MET A 278 -5.14 -0.78 -2.05
C MET A 278 -4.92 -1.12 -3.55
N ALA A 279 -5.22 -2.34 -3.99
CA ALA A 279 -5.09 -2.73 -5.41
C ALA A 279 -6.12 -1.99 -6.26
N LEU A 280 -7.33 -1.75 -5.69
CA LEU A 280 -8.43 -1.06 -6.34
C LEU A 280 -8.12 0.44 -6.49
N GLY A 281 -7.41 1.01 -5.51
CA GLY A 281 -6.94 2.39 -5.54
C GLY A 281 -5.84 2.58 -6.58
N ASN A 282 -4.97 1.56 -6.72
CA ASN A 282 -3.88 1.49 -7.70
C ASN A 282 -4.46 1.44 -9.10
N LEU A 283 -5.48 0.57 -9.33
CA LEU A 283 -6.19 0.42 -10.60
C LEU A 283 -6.87 1.73 -11.00
N ALA A 284 -7.49 2.42 -10.01
CA ALA A 284 -8.16 3.71 -10.21
C ALA A 284 -7.15 4.79 -10.61
N ASP A 285 -5.94 4.79 -10.00
CA ASP A 285 -4.86 5.71 -10.33
C ASP A 285 -4.41 5.49 -11.79
N LEU A 286 -4.30 4.21 -12.21
CA LEU A 286 -3.91 3.84 -13.57
C LEU A 286 -5.00 4.22 -14.57
N GLU A 287 -6.29 4.02 -14.20
CA GLU A 287 -7.44 4.37 -15.04
C GLU A 287 -7.51 5.87 -15.30
N GLU A 288 -7.12 6.73 -14.31
CA GLU A 288 -7.13 8.17 -14.53
C GLU A 288 -6.06 8.60 -15.55
N LEU A 289 -4.87 7.94 -15.51
CA LEU A 289 -3.76 8.21 -16.44
C LEU A 289 -4.15 7.77 -17.86
N GLU A 290 -4.72 6.55 -18.01
CA GLU A 290 -5.17 6.02 -19.30
C GLU A 290 -6.47 5.22 -19.13
N PRO A 291 -7.65 5.88 -19.31
CA PRO A 291 -8.91 5.15 -19.17
C PRO A 291 -9.09 4.08 -20.23
N THR A 292 -9.55 2.90 -19.83
CA THR A 292 -9.75 1.81 -20.80
C THR A 292 -11.26 1.74 -21.09
N PRO A 293 -11.65 1.82 -22.38
CA PRO A 293 -13.08 1.82 -22.75
C PRO A 293 -13.89 0.64 -22.20
N GLY A 294 -15.10 0.94 -21.75
CA GLY A 294 -16.05 -0.03 -21.21
C GLY A 294 -15.92 -0.33 -19.73
N ARG A 295 -14.82 0.15 -19.10
CA ARG A 295 -14.52 -0.07 -17.69
C ARG A 295 -15.06 1.05 -16.79
N PRO A 296 -15.31 0.78 -15.48
CA PRO A 296 -15.80 1.85 -14.59
C PRO A 296 -14.78 2.97 -14.35
N ASP A 297 -15.29 4.17 -14.00
CA ASP A 297 -14.55 5.40 -13.75
C ASP A 297 -13.62 5.29 -12.52
N PRO A 298 -12.49 6.04 -12.47
CA PRO A 298 -11.60 5.97 -11.29
C PRO A 298 -12.34 6.15 -9.96
N LEU A 299 -13.25 7.15 -9.86
CA LEU A 299 -14.04 7.42 -8.65
C LEU A 299 -14.80 6.18 -8.16
N THR A 300 -15.42 5.42 -9.10
CA THR A 300 -16.14 4.17 -8.78
C THR A 300 -15.16 3.17 -8.15
N LEU A 301 -13.96 3.03 -8.73
CA LEU A 301 -12.92 2.13 -8.25
C LEU A 301 -12.35 2.57 -6.88
N TYR A 302 -12.17 3.88 -6.62
CA TYR A 302 -11.70 4.34 -5.29
C TYR A 302 -12.72 3.97 -4.22
N HIS A 303 -14.01 4.17 -4.51
CA HIS A 303 -15.09 3.82 -3.58
C HIS A 303 -15.23 2.30 -3.41
N LYS A 304 -14.84 1.50 -4.44
CA LYS A 304 -14.82 0.03 -4.36
C LYS A 304 -13.73 -0.43 -3.38
N GLY A 305 -12.62 0.33 -3.34
CA GLY A 305 -11.52 0.12 -2.41
C GLY A 305 -11.94 0.39 -0.97
N ILE A 306 -12.67 1.49 -0.75
CA ILE A 306 -13.19 1.88 0.57
C ILE A 306 -14.20 0.81 1.03
N ALA A 307 -15.13 0.40 0.13
CA ALA A 307 -16.15 -0.63 0.38
C ALA A 307 -15.55 -1.95 0.84
N SER A 308 -14.43 -2.38 0.22
CA SER A 308 -13.68 -3.60 0.56
C SER A 308 -13.13 -3.50 1.98
N ALA A 309 -12.50 -2.36 2.32
CA ALA A 309 -11.95 -2.10 3.66
C ALA A 309 -13.05 -2.17 4.72
N LYS A 310 -14.22 -1.59 4.42
CA LYS A 310 -15.39 -1.58 5.31
C LYS A 310 -15.97 -3.00 5.48
N THR A 311 -16.09 -3.77 4.38
CA THR A 311 -16.67 -5.11 4.37
C THR A 311 -15.78 -6.17 5.04
N TYR A 312 -14.49 -6.26 4.66
CA TYR A 312 -13.64 -7.33 5.16
C TYR A 312 -12.62 -6.93 6.23
N TYR A 313 -12.41 -5.63 6.49
CA TYR A 313 -11.37 -5.20 7.43
C TYR A 313 -11.87 -4.19 8.46
N ARG A 314 -13.16 -4.30 8.84
CA ARG A 314 -13.93 -3.49 9.81
C ARG A 314 -13.57 -1.97 9.77
N ASP A 315 -13.31 -1.42 8.56
CA ASP A 315 -13.01 -0.02 8.28
C ASP A 315 -11.79 0.50 9.08
N GLU A 316 -10.74 -0.34 9.20
CA GLU A 316 -9.53 0.03 9.95
C GLU A 316 -8.33 0.37 9.02
N HIS A 317 -8.59 0.56 7.70
CA HIS A 317 -7.55 0.88 6.72
C HIS A 317 -7.56 2.37 6.38
N ILE A 318 -6.36 2.94 6.26
CA ILE A 318 -6.12 4.36 6.00
C ILE A 318 -6.03 4.70 4.50
N TYR A 319 -5.19 3.97 3.74
CA TYR A 319 -4.89 4.26 2.34
C TYR A 319 -6.09 4.24 1.38
N PRO A 320 -7.19 3.44 1.54
CA PRO A 320 -8.32 3.57 0.59
C PRO A 320 -8.88 5.01 0.51
N TYR A 321 -9.00 5.70 1.66
CA TYR A 321 -9.49 7.08 1.73
C TYR A 321 -8.44 8.07 1.24
N MET A 322 -7.16 7.73 1.46
CA MET A 322 -5.99 8.51 1.06
C MET A 322 -5.91 8.56 -0.47
N TYR A 323 -6.15 7.41 -1.14
CA TYR A 323 -6.20 7.28 -2.60
C TYR A 323 -7.30 8.19 -3.18
N LEU A 324 -8.51 8.21 -2.56
CA LEU A 324 -9.62 9.05 -3.01
C LEU A 324 -9.31 10.54 -2.80
N ALA A 325 -8.72 10.90 -1.63
CA ALA A 325 -8.29 12.26 -1.32
C ALA A 325 -7.25 12.74 -2.32
N GLY A 326 -6.35 11.84 -2.73
CA GLY A 326 -5.33 12.09 -3.73
C GLY A 326 -5.93 12.47 -5.07
N TYR A 327 -6.94 11.72 -5.53
CA TYR A 327 -7.67 11.99 -6.77
C TYR A 327 -8.29 13.39 -6.76
N HIS A 328 -9.03 13.72 -5.69
CA HIS A 328 -9.72 15.00 -5.57
C HIS A 328 -8.72 16.17 -5.46
N CYS A 329 -7.55 15.95 -4.85
CA CYS A 329 -6.49 16.96 -4.71
C CYS A 329 -5.93 17.33 -6.09
N ARG A 330 -5.57 16.30 -6.90
CA ARG A 330 -5.06 16.43 -8.27
C ARG A 330 -6.05 17.16 -9.17
N ASN A 331 -7.36 16.96 -8.95
CA ASN A 331 -8.45 17.55 -9.72
C ASN A 331 -8.99 18.85 -9.07
N ARG A 332 -8.40 19.26 -7.93
CA ARG A 332 -8.69 20.47 -7.15
C ARG A 332 -10.17 20.55 -6.66
N ASN A 333 -10.71 19.42 -6.16
CA ASN A 333 -12.06 19.33 -5.56
C ASN A 333 -11.86 19.47 -4.05
N VAL A 334 -11.63 20.71 -3.58
CA VAL A 334 -11.30 21.10 -2.20
C VAL A 334 -12.21 20.43 -1.16
N ARG A 335 -13.55 20.55 -1.32
CA ARG A 335 -14.53 19.97 -0.38
C ARG A 335 -14.38 18.45 -0.30
N GLU A 336 -14.39 17.79 -1.46
CA GLU A 336 -14.30 16.33 -1.59
C GLU A 336 -12.94 15.79 -1.14
N ALA A 337 -11.85 16.59 -1.28
CA ALA A 337 -10.51 16.21 -0.82
C ALA A 337 -10.45 16.30 0.70
N LEU A 338 -10.97 17.41 1.27
CA LEU A 338 -11.01 17.65 2.71
C LEU A 338 -11.90 16.62 3.41
N GLN A 339 -13.01 16.21 2.75
CA GLN A 339 -13.94 15.21 3.28
C GLN A 339 -13.24 13.86 3.42
N ALA A 340 -12.51 13.43 2.36
CA ALA A 340 -11.77 12.18 2.34
C ALA A 340 -10.61 12.16 3.36
N TRP A 341 -9.96 13.33 3.63
CA TRP A 341 -8.88 13.39 4.63
C TRP A 341 -9.46 13.32 6.05
N ALA A 342 -10.67 13.86 6.24
CA ALA A 342 -11.38 13.81 7.51
C ALA A 342 -11.84 12.38 7.79
N ASP A 343 -12.20 11.64 6.72
CA ASP A 343 -12.59 10.22 6.77
C ASP A 343 -11.37 9.34 7.09
N THR A 344 -10.16 9.75 6.64
CA THR A 344 -8.89 9.07 6.95
C THR A 344 -8.61 9.22 8.45
N ALA A 345 -8.74 10.46 8.97
CA ALA A 345 -8.53 10.78 10.38
C ALA A 345 -9.56 10.09 11.30
N THR A 346 -10.79 9.84 10.78
CA THR A 346 -11.84 9.14 11.54
C THR A 346 -11.40 7.67 11.75
N VAL A 347 -10.58 7.13 10.82
CA VAL A 347 -10.08 5.77 10.94
C VAL A 347 -8.89 5.74 11.93
N ILE A 348 -7.91 6.65 11.78
CA ILE A 348 -6.70 6.69 12.62
C ILE A 348 -6.99 7.02 14.10
N GLN A 349 -8.13 7.67 14.40
CA GLN A 349 -8.46 8.11 15.75
C GLN A 349 -8.53 6.93 16.77
N ASP A 350 -8.85 5.70 16.31
CA ASP A 350 -8.98 4.56 17.21
C ASP A 350 -7.70 3.70 17.26
N TYR A 351 -6.57 4.32 16.90
CA TYR A 351 -5.24 3.74 16.95
C TYR A 351 -4.40 4.52 17.94
N ASN A 352 -3.24 3.96 18.32
CA ASN A 352 -2.29 4.66 19.18
C ASN A 352 -0.99 4.77 18.41
N TYR A 353 -0.52 6.02 18.24
CA TYR A 353 0.71 6.31 17.50
C TYR A 353 1.91 5.73 18.23
N CYS A 354 2.49 4.68 17.63
CA CYS A 354 3.66 3.96 18.17
C CYS A 354 4.90 4.29 17.32
N ARG A 355 6.10 4.03 17.87
CA ARG A 355 7.40 4.31 17.28
C ARG A 355 7.50 4.02 15.77
N GLU A 356 7.11 2.80 15.32
CA GLU A 356 7.22 2.34 13.94
C GLU A 356 6.04 2.76 13.01
N ASP A 357 5.31 3.84 13.35
CA ASP A 357 4.18 4.33 12.53
C ASP A 357 4.56 5.60 11.73
N GLU A 358 5.88 5.90 11.64
CA GLU A 358 6.47 7.07 10.97
C GLU A 358 5.92 7.29 9.56
N GLU A 359 5.72 6.21 8.78
CA GLU A 359 5.19 6.29 7.42
C GLU A 359 3.83 6.99 7.36
N ILE A 360 2.91 6.66 8.29
CA ILE A 360 1.59 7.29 8.25
C ILE A 360 1.64 8.68 8.95
N TYR A 361 2.53 8.87 9.95
CA TYR A 361 2.69 10.18 10.60
C TYR A 361 3.13 11.22 9.56
N LYS A 362 4.14 10.87 8.74
CA LYS A 362 4.71 11.71 7.67
C LYS A 362 3.62 12.10 6.66
N GLU A 363 2.70 11.16 6.33
CA GLU A 363 1.58 11.39 5.41
C GLU A 363 0.60 12.42 5.99
N PHE A 364 0.20 12.28 7.28
CA PHE A 364 -0.72 13.23 7.93
C PHE A 364 -0.06 14.59 8.13
N PHE A 365 1.23 14.60 8.52
CA PHE A 365 2.02 15.81 8.75
C PHE A 365 2.06 16.66 7.48
N GLU A 366 2.23 16.01 6.31
CA GLU A 366 2.31 16.67 5.02
C GLU A 366 0.95 17.21 4.54
N VAL A 367 -0.16 16.49 4.79
CA VAL A 367 -1.48 16.98 4.37
C VAL A 367 -1.87 18.19 5.27
N ALA A 368 -1.67 18.07 6.59
CA ALA A 368 -2.02 19.11 7.56
C ALA A 368 -1.13 20.33 7.51
N ASN A 369 0.13 20.19 7.05
CA ASN A 369 1.04 21.33 7.11
C ASN A 369 1.60 21.77 5.76
N ASP A 370 1.24 21.08 4.67
CA ASP A 370 1.72 21.48 3.34
C ASP A 370 0.57 21.46 2.32
N VAL A 371 -0.07 20.29 2.09
CA VAL A 371 -1.14 20.07 1.10
C VAL A 371 -2.39 20.93 1.39
N ILE A 372 -3.03 20.78 2.58
CA ILE A 372 -4.22 21.55 2.97
C ILE A 372 -3.86 23.07 2.98
N PRO A 373 -2.77 23.54 3.64
CA PRO A 373 -2.44 24.97 3.57
C PRO A 373 -2.23 25.48 2.13
N ASN A 374 -1.70 24.63 1.22
CA ASN A 374 -1.51 24.99 -0.18
C ASN A 374 -2.86 25.10 -0.91
N LEU A 375 -3.80 24.16 -0.64
CA LEU A 375 -5.14 24.12 -1.23
C LEU A 375 -5.93 25.38 -0.90
N LEU A 376 -5.99 25.73 0.40
CA LEU A 376 -6.70 26.89 0.93
C LEU A 376 -6.06 28.21 0.50
N LYS A 377 -4.72 28.23 0.24
CA LYS A 377 -4.01 29.42 -0.25
C LYS A 377 -4.44 29.70 -1.70
N GLU A 378 -4.45 28.64 -2.54
CA GLU A 378 -4.86 28.70 -3.95
C GLU A 378 -6.34 29.10 -4.06
N ALA A 379 -7.18 28.58 -3.14
CA ALA A 379 -8.62 28.87 -3.07
C ALA A 379 -8.86 30.34 -2.72
N ALA A 380 -7.98 30.92 -1.87
CA ALA A 380 -8.03 32.34 -1.46
C ALA A 380 -7.67 33.25 -2.63
N SER A 381 -6.78 32.80 -3.53
CA SER A 381 -6.36 33.55 -4.72
C SER A 381 -7.51 33.66 -5.71
N LEU A 382 -8.28 32.57 -5.85
CA LEU A 382 -9.44 32.46 -6.75
C LEU A 382 -10.61 33.35 -6.29
N LEU A 383 -10.71 33.63 -4.97
CA LEU A 383 -11.76 34.48 -4.40
C LEU A 383 -11.57 35.94 -4.79
N GLU A 384 -10.31 36.37 -5.02
CA GLU A 384 -10.00 37.72 -5.46
C GLU A 384 -10.17 37.79 -6.97
N ALA A 385 -11.41 38.13 -7.41
CA ALA A 385 -11.89 38.27 -8.80
C ALA A 385 -11.57 37.04 -9.65
N SER A 402 -14.31 30.14 -2.91
CA SER A 402 -15.65 29.55 -2.97
C SER A 402 -15.80 28.44 -1.93
N ALA A 403 -14.79 27.56 -1.82
CA ALA A 403 -14.75 26.47 -0.84
C ALA A 403 -14.57 27.05 0.57
N LEU A 404 -13.87 28.20 0.65
CA LEU A 404 -13.63 28.95 1.88
C LEU A 404 -14.90 29.65 2.37
N GLN A 405 -15.94 29.71 1.49
CA GLN A 405 -17.26 30.28 1.79
C GLN A 405 -18.21 29.18 2.23
N ASP A 406 -17.81 27.91 2.01
CA ASP A 406 -18.60 26.72 2.33
C ASP A 406 -18.33 26.26 3.78
N PRO A 407 -19.33 26.36 4.69
CA PRO A 407 -19.10 25.93 6.08
C PRO A 407 -18.87 24.41 6.23
N GLU A 408 -19.19 23.61 5.17
CA GLU A 408 -18.95 22.15 5.14
C GLU A 408 -17.44 21.85 5.07
N CYS A 409 -16.66 22.65 4.31
CA CYS A 409 -15.19 22.53 4.20
C CYS A 409 -14.56 22.75 5.55
N PHE A 410 -15.08 23.74 6.30
CA PHE A 410 -14.58 24.09 7.62
C PHE A 410 -14.84 22.93 8.61
N ALA A 411 -16.04 22.30 8.56
CA ALA A 411 -16.39 21.16 9.41
C ALA A 411 -15.47 19.96 9.12
N HIS A 412 -15.14 19.72 7.81
CA HIS A 412 -14.23 18.64 7.39
C HIS A 412 -12.82 18.88 7.96
N LEU A 413 -12.37 20.15 7.95
CA LEU A 413 -11.06 20.56 8.47
C LEU A 413 -10.98 20.27 9.97
N LEU A 414 -12.03 20.60 10.74
CA LEU A 414 -12.08 20.37 12.19
C LEU A 414 -12.16 18.88 12.54
N ARG A 415 -12.95 18.08 11.77
CA ARG A 415 -13.09 16.63 11.96
C ARG A 415 -11.72 15.95 11.72
N PHE A 416 -10.97 16.45 10.73
CA PHE A 416 -9.63 15.99 10.39
C PHE A 416 -8.69 16.17 11.60
N TYR A 417 -8.66 17.37 12.20
CA TYR A 417 -7.82 17.65 13.38
C TYR A 417 -8.30 16.87 14.61
N ASP A 418 -9.63 16.64 14.71
CA ASP A 418 -10.26 15.87 15.79
C ASP A 418 -9.72 14.45 15.80
N GLY A 419 -9.62 13.84 14.62
CA GLY A 419 -9.09 12.49 14.42
C GLY A 419 -7.65 12.35 14.85
N ILE A 420 -6.79 13.32 14.48
CA ILE A 420 -5.35 13.37 14.82
C ILE A 420 -5.18 13.53 16.36
N CYS A 421 -6.01 14.39 17.00
CA CYS A 421 -6.01 14.61 18.45
C CYS A 421 -6.37 13.32 19.17
N LYS A 422 -7.47 12.66 18.76
CA LYS A 422 -7.94 11.42 19.36
C LYS A 422 -6.89 10.32 19.18
N TRP A 423 -6.23 10.26 18.00
CA TRP A 423 -5.14 9.32 17.67
C TRP A 423 -3.98 9.45 18.69
N GLU A 424 -3.66 10.68 19.10
CA GLU A 424 -2.63 11.01 20.08
C GLU A 424 -3.02 10.53 21.48
N GLU A 425 -4.33 10.45 21.80
CA GLU A 425 -4.80 9.97 23.10
C GLU A 425 -4.42 8.51 23.31
N GLY A 426 -3.75 8.24 24.42
CA GLY A 426 -3.30 6.91 24.80
C GLY A 426 -2.03 6.46 24.10
N SER A 427 -1.37 7.36 23.36
CA SER A 427 -0.15 7.08 22.61
C SER A 427 1.10 7.25 23.47
N PRO A 428 2.13 6.37 23.32
CA PRO A 428 3.36 6.50 24.14
C PRO A 428 4.17 7.78 23.85
N THR A 429 4.06 8.33 22.62
CA THR A 429 4.77 9.54 22.20
C THR A 429 3.79 10.57 21.61
N PRO A 430 4.09 11.89 21.71
CA PRO A 430 3.15 12.89 21.16
C PRO A 430 3.14 12.91 19.63
N VAL A 431 2.02 13.40 19.08
CA VAL A 431 1.79 13.56 17.64
C VAL A 431 1.96 15.03 17.29
N LEU A 432 1.12 15.87 17.90
CA LEU A 432 1.04 17.31 17.67
C LEU A 432 2.09 18.05 18.48
N HIS A 433 2.85 18.89 17.78
CA HIS A 433 3.88 19.75 18.33
C HIS A 433 3.72 21.14 17.73
N VAL A 434 4.57 22.11 18.15
CA VAL A 434 4.55 23.52 17.73
C VAL A 434 4.44 23.70 16.19
N GLY A 435 5.00 22.75 15.42
CA GLY A 435 4.99 22.75 13.96
C GLY A 435 3.61 22.63 13.35
N TRP A 436 2.70 21.87 14.00
CA TRP A 436 1.32 21.65 13.56
C TRP A 436 0.47 22.89 13.89
N ALA A 437 0.59 23.40 15.13
CA ALA A 437 -0.14 24.51 15.75
C ALA A 437 -0.25 25.75 14.84
N THR A 438 0.87 26.11 14.17
CA THR A 438 0.97 27.26 13.27
C THR A 438 0.01 27.10 12.07
N PHE A 439 0.02 25.93 11.43
CA PHE A 439 -0.76 25.66 10.24
C PHE A 439 -2.25 25.47 10.56
N LEU A 440 -2.59 25.12 11.81
CA LEU A 440 -3.99 25.04 12.23
C LEU A 440 -4.56 26.46 12.31
N VAL A 441 -3.83 27.39 12.96
CA VAL A 441 -4.23 28.80 13.11
C VAL A 441 -4.38 29.45 11.70
N GLN A 442 -3.39 29.25 10.81
CA GLN A 442 -3.41 29.77 9.45
C GLN A 442 -4.59 29.20 8.64
N SER A 443 -4.87 27.87 8.78
CA SER A 443 -5.98 27.20 8.08
C SER A 443 -7.33 27.65 8.62
N LEU A 444 -7.47 27.84 9.97
CA LEU A 444 -8.71 28.35 10.57
C LEU A 444 -8.99 29.76 10.04
N GLY A 445 -7.93 30.58 9.98
CA GLY A 445 -7.93 31.95 9.50
C GLY A 445 -8.29 32.15 8.03
N ARG A 446 -8.26 31.07 7.23
CA ARG A 446 -8.61 31.08 5.81
C ARG A 446 -10.14 31.16 5.63
N PHE A 447 -10.90 30.83 6.69
CA PHE A 447 -12.36 30.87 6.71
C PHE A 447 -12.82 32.07 7.54
N GLU A 448 -13.73 32.90 6.97
CA GLU A 448 -14.24 34.09 7.66
C GLU A 448 -15.12 33.67 8.85
N GLY A 449 -15.16 34.53 9.87
CA GLY A 449 -15.93 34.34 11.10
C GLY A 449 -17.36 33.87 10.90
N GLN A 450 -18.08 34.54 9.98
CA GLN A 450 -19.48 34.25 9.61
C GLN A 450 -19.63 32.84 9.03
N VAL A 451 -18.63 32.36 8.27
CA VAL A 451 -18.63 31.02 7.68
C VAL A 451 -18.36 30.00 8.79
N ARG A 452 -17.35 30.26 9.64
CA ARG A 452 -16.95 29.38 10.74
C ARG A 452 -18.08 29.19 11.79
N GLN A 453 -18.82 30.26 12.15
CA GLN A 453 -19.89 30.15 13.15
C GLN A 453 -21.18 29.50 12.59
N LYS A 454 -21.23 29.19 11.28
CA LYS A 454 -22.37 28.48 10.67
C LYS A 454 -22.34 27.00 11.10
N VAL A 455 -21.14 26.50 11.49
CA VAL A 455 -20.94 25.12 11.94
C VAL A 455 -21.41 25.02 13.41
N ARG A 456 -22.32 24.05 13.68
CA ARG A 456 -22.85 23.76 15.01
C ARG A 456 -22.06 22.60 15.62
N ILE A 457 -21.24 22.87 16.64
CA ILE A 457 -20.47 21.81 17.29
C ILE A 457 -21.28 21.39 18.51
N VAL A 458 -22.00 20.26 18.37
CA VAL A 458 -22.90 19.72 19.39
C VAL A 458 -22.38 18.38 19.95
N SER A 459 -22.81 18.04 21.16
CA SER A 459 -22.45 16.76 21.79
C SER A 459 -23.59 15.77 21.56
N GLY A 460 -24.69 16.28 21.01
CA GLY A 460 -25.97 15.56 20.90
C GLY A 460 -26.88 15.87 22.07
N THR A 461 -28.18 15.67 21.90
CA THR A 461 -29.15 15.95 23.00
C THR A 461 -29.74 14.64 23.52
N VAL A 462 -30.38 13.88 22.65
CA VAL A 462 -30.96 12.57 23.04
C VAL A 462 -30.23 11.44 22.32
N ALA A 463 -30.00 10.32 23.00
CA ALA A 463 -29.36 9.15 22.39
C ALA A 463 -30.40 8.24 21.74
N GLY A 464 -30.12 7.86 20.49
CA GLY A 464 -30.98 7.00 19.69
C GLY A 464 -32.25 7.65 19.17
N THR A 465 -33.09 6.84 18.51
CA THR A 465 -34.37 7.27 17.95
C THR A 465 -35.49 6.40 18.52
N ALA A 466 -36.70 6.96 18.65
CA ALA A 466 -37.86 6.25 19.17
C ALA A 466 -38.86 5.86 18.08
N ARG A 467 -39.59 4.75 18.28
CA ARG A 467 -40.60 4.24 17.34
C ARG A 467 -42.01 4.45 17.90
N GLY A 488 -27.10 24.89 8.58
CA GLY A 488 -25.66 24.83 8.76
C GLY A 488 -25.16 23.45 9.14
N PRO A 489 -23.85 23.13 8.94
CA PRO A 489 -23.35 21.80 9.32
C PRO A 489 -23.37 21.56 10.83
N VAL A 490 -23.47 20.29 11.22
CA VAL A 490 -23.47 19.86 12.61
C VAL A 490 -22.27 18.90 12.79
N LEU A 491 -21.50 19.09 13.86
CA LEU A 491 -20.28 18.33 14.12
C LEU A 491 -20.18 17.89 15.59
N THR A 492 -19.61 16.70 15.82
CA THR A 492 -19.39 16.15 17.16
C THR A 492 -17.92 15.74 17.27
N PHE A 493 -17.24 16.25 18.32
CA PHE A 493 -15.83 15.97 18.59
C PHE A 493 -15.69 14.75 19.48
N GLN A 494 -14.81 13.83 19.07
CA GLN A 494 -14.51 12.60 19.78
C GLN A 494 -13.28 12.78 20.67
N SER A 495 -12.49 13.85 20.43
CA SER A 495 -11.27 14.11 21.19
C SER A 495 -11.46 15.18 22.26
N GLU A 496 -10.69 15.05 23.36
CA GLU A 496 -10.66 15.96 24.51
C GLU A 496 -10.13 17.35 24.11
N LYS A 497 -9.05 17.40 23.31
CA LYS A 497 -8.40 18.65 22.88
C LYS A 497 -9.34 19.53 22.05
N MET A 498 -9.98 18.98 21.00
CA MET A 498 -10.87 19.75 20.14
C MET A 498 -12.13 20.20 20.91
N LYS A 499 -12.59 19.37 21.87
CA LYS A 499 -13.74 19.65 22.75
C LYS A 499 -13.47 20.88 23.64
N GLY A 500 -12.25 20.98 24.18
CA GLY A 500 -11.82 22.08 25.03
C GLY A 500 -11.63 23.39 24.29
N MET A 501 -11.42 23.30 22.97
CA MET A 501 -11.18 24.39 22.01
C MET A 501 -12.46 24.87 21.33
N LYS A 502 -13.58 24.11 21.45
CA LYS A 502 -14.91 24.33 20.86
C LYS A 502 -15.17 25.80 20.46
N GLU A 503 -15.36 26.66 21.47
CA GLU A 503 -15.67 28.08 21.35
C GLU A 503 -14.59 28.89 20.65
N LEU A 504 -13.30 28.58 20.89
CA LEU A 504 -12.16 29.31 20.29
C LEU A 504 -12.12 29.15 18.77
N LEU A 505 -12.39 27.93 18.27
CA LEU A 505 -12.37 27.59 16.85
C LEU A 505 -13.45 28.33 16.05
N VAL A 506 -14.53 28.74 16.72
CA VAL A 506 -15.72 29.38 16.14
C VAL A 506 -15.73 30.92 16.38
N ALA A 507 -14.91 31.44 17.33
CA ALA A 507 -14.86 32.87 17.66
C ALA A 507 -14.37 33.72 16.46
N THR A 508 -14.99 34.90 16.22
CA THR A 508 -14.68 35.84 15.12
C THR A 508 -13.19 36.23 15.10
N LYS A 509 -12.61 36.52 16.28
CA LYS A 509 -11.20 36.87 16.44
C LYS A 509 -10.48 35.63 17.01
N ILE A 510 -9.53 35.07 16.24
CA ILE A 510 -8.82 33.85 16.62
C ILE A 510 -7.73 34.17 17.66
N ASN A 511 -7.83 33.51 18.83
CA ASN A 511 -6.84 33.60 19.91
C ASN A 511 -5.79 32.52 19.61
N SER A 512 -4.76 32.91 18.81
CA SER A 512 -3.69 32.04 18.34
C SER A 512 -2.97 31.31 19.48
N SER A 513 -2.54 32.04 20.52
CA SER A 513 -1.83 31.51 21.69
C SER A 513 -2.63 30.38 22.39
N ALA A 514 -3.94 30.59 22.60
CA ALA A 514 -4.83 29.65 23.27
C ALA A 514 -5.09 28.39 22.43
N ILE A 515 -5.25 28.56 21.09
CA ILE A 515 -5.47 27.45 20.17
C ILE A 515 -4.16 26.64 20.06
N LYS A 516 -3.00 27.34 20.00
CA LYS A 516 -1.69 26.70 19.92
C LYS A 516 -1.36 25.95 21.21
N LEU A 517 -1.64 26.56 22.39
CA LEU A 517 -1.40 25.97 23.70
C LEU A 517 -2.23 24.68 23.91
N GLN A 518 -3.54 24.72 23.58
CA GLN A 518 -4.44 23.59 23.73
C GLN A 518 -4.06 22.43 22.78
N LEU A 519 -3.71 22.73 21.52
CA LEU A 519 -3.34 21.70 20.54
C LEU A 519 -2.04 20.98 20.92
N THR A 520 -1.06 21.72 21.47
CA THR A 520 0.27 21.19 21.82
C THR A 520 0.35 20.61 23.25
N ALA A 521 -0.63 20.91 24.13
CA ALA A 521 -0.64 20.39 25.51
C ALA A 521 -0.92 18.90 25.54
#